data_5KM9
#
_entry.id   5KM9
#
_cell.length_a   37.753
_cell.length_b   74.771
_cell.length_c   77.863
_cell.angle_alpha   90.000
_cell.angle_beta   90.000
_cell.angle_gamma   90.000
#
_symmetry.space_group_name_H-M   'P 21 21 21'
#
loop_
_entity.id
_entity.type
_entity.pdbx_description
1 polymer 'Histidine triad nucleotide-binding protein 2, mitochondrial'
2 non-polymer ADENOSINE
3 non-polymer 'TETRAETHYLENE GLYCOL'
4 non-polymer GLYCEROL
5 non-polymer 'CHLORIDE ION'
6 water water
#
_entity_poly.entity_id   1
_entity_poly.type   'polypeptide(L)'
_entity_poly.pdbx_seq_one_letter_code
;SNAMGQVRGAAGVTDGNEVAKAQQATPGGAAPTIFSRILDKSLPADILYEDQQCLVFRDVAPQAPVHFLVIPKKPIPRIS
QAEEEDQQLLGHLLLVAKQTAKAEGLGDGYRLVINDGKLGAQSVYHLHIHVLGGRQLQWPPG
;
_entity_poly.pdbx_strand_id   B,A
#
loop_
_chem_comp.id
_chem_comp.type
_chem_comp.name
_chem_comp.formula
ADN non-polymer ADENOSINE 'C10 H13 N5 O4'
CL non-polymer 'CHLORIDE ION' 'Cl -1'
GOL non-polymer GLYCEROL 'C3 H8 O3'
PG4 non-polymer 'TETRAETHYLENE GLYCOL' 'C8 H18 O5'
#
# COMPACT_ATOMS: atom_id res chain seq x y z
N ALA A 31 -22.62 -1.75 -11.80
CA ALA A 31 -21.55 -1.50 -10.84
C ALA A 31 -20.36 -2.39 -11.12
N PRO A 32 -19.15 -1.82 -11.09
CA PRO A 32 -17.96 -2.55 -11.52
C PRO A 32 -17.50 -3.64 -10.56
N THR A 33 -17.71 -3.48 -9.25
CA THR A 33 -17.25 -4.49 -8.31
C THR A 33 -18.18 -4.67 -7.11
N ILE A 34 -17.94 -5.75 -6.36
CA ILE A 34 -18.69 -5.98 -5.14
C ILE A 34 -18.43 -4.87 -4.11
N PHE A 35 -17.32 -4.14 -4.23
CA PHE A 35 -17.07 -3.05 -3.27
C PHE A 35 -18.12 -1.95 -3.43
N SER A 36 -18.76 -1.86 -4.60
CA SER A 36 -19.84 -0.91 -4.78
CA SER A 36 -19.85 -0.92 -4.79
C SER A 36 -21.01 -1.20 -3.83
N ARG A 37 -21.24 -2.49 -3.56
CA ARG A 37 -22.29 -2.89 -2.60
C ARG A 37 -21.90 -2.61 -1.17
N ILE A 38 -20.60 -2.70 -0.88
CA ILE A 38 -20.13 -2.40 0.45
C ILE A 38 -20.28 -0.89 0.69
N LEU A 39 -19.92 -0.10 -0.30
CA LEU A 39 -20.04 1.36 -0.21
C LEU A 39 -21.49 1.82 -0.07
N ASP A 40 -22.42 1.19 -0.80
CA ASP A 40 -23.80 1.68 -0.74
C ASP A 40 -24.61 0.95 0.34
N LYS A 41 -23.93 0.08 1.08
CA LYS A 41 -24.44 -0.60 2.27
C LYS A 41 -25.47 -1.68 1.95
N SER A 42 -25.58 -2.06 0.69
CA SER A 42 -26.49 -3.15 0.32
C SER A 42 -25.91 -4.52 0.66
N LEU A 43 -24.60 -4.59 0.84
CA LEU A 43 -23.95 -5.77 1.40
C LEU A 43 -23.42 -5.39 2.79
N PRO A 44 -23.99 -5.96 3.85
CA PRO A 44 -23.51 -5.66 5.20
C PRO A 44 -22.05 -6.04 5.35
N ALA A 45 -21.26 -5.12 5.90
CA ALA A 45 -19.84 -5.34 6.10
C ALA A 45 -19.48 -4.91 7.51
N ASP A 46 -18.34 -5.39 7.99
CA ASP A 46 -17.84 -4.98 9.29
C ASP A 46 -16.99 -3.73 9.09
N ILE A 47 -17.63 -2.58 9.25
CA ILE A 47 -17.03 -1.29 8.94
C ILE A 47 -16.30 -0.76 10.16
N LEU A 48 -15.04 -0.36 9.96
CA LEU A 48 -14.19 0.10 11.06
C LEU A 48 -14.07 1.62 11.10
N TYR A 49 -14.29 2.25 9.95
CA TYR A 49 -14.11 3.69 9.79
C TYR A 49 -14.79 4.14 8.52
N GLU A 50 -15.39 5.32 8.54
CA GLU A 50 -15.97 5.89 7.33
C GLU A 50 -15.89 7.41 7.38
N ASP A 51 -15.52 8.02 6.28
CA ASP A 51 -15.71 9.48 6.11
C ASP A 51 -16.10 9.74 4.66
N GLN A 52 -16.16 10.99 4.25
CA GLN A 52 -16.73 11.24 2.94
C GLN A 52 -15.79 10.84 1.80
N GLN A 53 -14.56 10.50 2.14
CA GLN A 53 -13.59 10.09 1.13
C GLN A 53 -13.25 8.60 1.09
N CYS A 54 -13.56 7.87 2.16
CA CYS A 54 -13.11 6.48 2.20
C CYS A 54 -13.92 5.64 3.17
N LEU A 55 -13.74 4.33 3.05
CA LEU A 55 -14.43 3.35 3.86
C LEU A 55 -13.42 2.27 4.24
N VAL A 56 -13.49 1.80 5.47
CA VAL A 56 -12.59 0.75 5.96
C VAL A 56 -13.43 -0.41 6.48
N PHE A 57 -13.15 -1.63 6.00
CA PHE A 57 -13.95 -2.77 6.43
C PHE A 57 -13.10 -4.04 6.49
N ARG A 58 -13.56 -5.01 7.28
CA ARG A 58 -12.81 -6.25 7.40
C ARG A 58 -12.87 -7.09 6.13
N ASP A 59 -11.74 -7.72 5.81
CA ASP A 59 -11.66 -8.65 4.69
C ASP A 59 -12.38 -9.96 5.06
N VAL A 60 -13.22 -10.49 4.18
CA VAL A 60 -13.98 -11.70 4.52
C VAL A 60 -13.22 -12.98 4.19
N ALA A 61 -12.01 -12.85 3.61
CA ALA A 61 -11.10 -13.98 3.48
C ALA A 61 -9.77 -13.60 4.11
N PRO A 62 -9.78 -13.44 5.43
CA PRO A 62 -8.62 -12.84 6.10
C PRO A 62 -7.37 -13.71 6.04
N GLN A 63 -6.24 -13.05 5.81
CA GLN A 63 -4.95 -13.73 5.69
C GLN A 63 -4.10 -13.52 6.94
N ALA A 64 -4.68 -12.86 7.94
CA ALA A 64 -4.01 -12.60 9.21
C ALA A 64 -5.10 -12.40 10.26
N PRO A 65 -4.75 -12.50 11.55
CA PRO A 65 -5.75 -12.35 12.61
C PRO A 65 -6.50 -11.02 12.54
N VAL A 66 -5.81 -9.98 12.08
CA VAL A 66 -6.45 -8.73 11.69
C VAL A 66 -6.14 -8.51 10.22
N HIS A 67 -7.19 -8.33 9.41
CA HIS A 67 -7.03 -8.07 8.00
C HIS A 67 -8.20 -7.21 7.55
N PHE A 68 -7.92 -5.95 7.25
CA PHE A 68 -8.96 -5.06 6.76
C PHE A 68 -8.49 -4.30 5.53
N LEU A 69 -9.46 -3.67 4.85
CA LEU A 69 -9.25 -2.97 3.60
C LEU A 69 -9.63 -1.51 3.77
N VAL A 70 -8.80 -0.64 3.23
CA VAL A 70 -9.07 0.79 3.16
C VAL A 70 -9.31 1.13 1.71
N ILE A 71 -10.50 1.63 1.38
CA ILE A 71 -10.81 1.94 -0.01
C ILE A 71 -11.33 3.37 -0.15
N PRO A 72 -11.00 4.02 -1.28
CA PRO A 72 -11.60 5.33 -1.59
C PRO A 72 -13.04 5.19 -2.01
N LYS A 73 -13.85 6.22 -1.77
CA LYS A 73 -15.19 6.23 -2.34
C LYS A 73 -15.14 6.59 -3.83
N LYS A 74 -14.14 7.36 -4.24
CA LYS A 74 -13.89 7.57 -5.66
C LYS A 74 -13.41 6.25 -6.25
N PRO A 75 -14.10 5.74 -7.29
CA PRO A 75 -13.81 4.39 -7.76
C PRO A 75 -12.58 4.29 -8.67
N ILE A 76 -11.43 4.72 -8.19
CA ILE A 76 -10.16 4.48 -8.86
C ILE A 76 -9.97 2.97 -8.98
N PRO A 77 -9.80 2.44 -10.21
CA PRO A 77 -9.80 0.97 -10.30
C PRO A 77 -8.51 0.29 -9.84
N ARG A 78 -7.38 0.97 -10.00
CA ARG A 78 -6.05 0.41 -9.75
C ARG A 78 -5.11 1.55 -9.41
N ILE A 79 -4.08 1.28 -8.60
CA ILE A 79 -3.12 2.33 -8.26
C ILE A 79 -2.39 2.85 -9.52
N SER A 80 -2.20 2.01 -10.54
CA SER A 80 -1.54 2.45 -11.75
C SER A 80 -2.38 3.48 -12.53
N GLN A 81 -3.66 3.58 -12.19
CA GLN A 81 -4.57 4.54 -12.83
C GLN A 81 -4.89 5.74 -11.95
N ALA A 82 -4.22 5.86 -10.80
CA ALA A 82 -4.29 7.09 -10.02
C ALA A 82 -3.55 8.20 -10.73
N GLU A 83 -3.96 9.44 -10.50
CA GLU A 83 -3.33 10.58 -11.17
C GLU A 83 -2.98 11.65 -10.14
N GLU A 84 -2.31 12.71 -10.58
CA GLU A 84 -1.83 13.74 -9.68
C GLU A 84 -2.95 14.36 -8.84
N GLU A 85 -4.14 14.45 -9.41
CA GLU A 85 -5.27 15.03 -8.68
C GLU A 85 -5.64 14.19 -7.46
N ASP A 86 -5.19 12.93 -7.45
CA ASP A 86 -5.50 12.02 -6.36
C ASP A 86 -4.48 12.06 -5.22
N GLN A 87 -3.51 12.96 -5.29
CA GLN A 87 -2.44 12.97 -4.29
C GLN A 87 -2.96 13.09 -2.85
N GLN A 88 -3.87 14.02 -2.62
CA GLN A 88 -4.41 14.23 -1.28
C GLN A 88 -5.16 12.98 -0.80
N LEU A 89 -5.98 12.44 -1.68
CA LEU A 89 -6.76 11.25 -1.37
C LEU A 89 -5.86 10.09 -0.99
N LEU A 90 -4.81 9.87 -1.78
CA LEU A 90 -3.90 8.75 -1.53
C LEU A 90 -3.21 8.89 -0.18
N GLY A 91 -2.78 10.10 0.17
CA GLY A 91 -2.19 10.30 1.48
C GLY A 91 -3.19 10.08 2.58
N HIS A 92 -4.43 10.49 2.35
CA HIS A 92 -5.49 10.27 3.32
C HIS A 92 -5.74 8.78 3.56
N LEU A 93 -5.73 7.98 2.49
CA LEU A 93 -5.92 6.54 2.64
C LEU A 93 -4.81 5.92 3.50
N LEU A 94 -3.57 6.34 3.31
CA LEU A 94 -2.48 5.82 4.15
C LEU A 94 -2.61 6.25 5.61
N LEU A 95 -3.00 7.50 5.85
CA LEU A 95 -3.18 7.94 7.23
C LEU A 95 -4.36 7.23 7.90
N VAL A 96 -5.45 7.02 7.18
CA VAL A 96 -6.56 6.24 7.72
C VAL A 96 -6.11 4.78 7.99
N ALA A 97 -5.30 4.21 7.10
CA ALA A 97 -4.78 2.87 7.34
C ALA A 97 -3.99 2.80 8.65
N LYS A 98 -3.09 3.75 8.87
CA LYS A 98 -2.30 3.64 10.09
C LYS A 98 -3.12 4.02 11.33
N GLN A 99 -4.06 4.96 11.20
CA GLN A 99 -4.95 5.28 12.32
C GLN A 99 -5.77 4.05 12.73
N THR A 100 -6.30 3.35 11.74
CA THR A 100 -7.13 2.17 12.02
C THR A 100 -6.28 1.02 12.55
N ALA A 101 -5.06 0.88 12.05
CA ALA A 101 -4.15 -0.14 12.59
C ALA A 101 -3.94 0.06 14.11
N LYS A 102 -3.74 1.31 14.52
CA LYS A 102 -3.61 1.61 15.95
C LYS A 102 -4.88 1.22 16.70
N ALA A 103 -6.03 1.60 16.17
CA ALA A 103 -7.31 1.28 16.80
C ALA A 103 -7.53 -0.23 16.95
N GLU A 104 -7.01 -0.99 16.00
CA GLU A 104 -7.15 -2.43 15.99
C GLU A 104 -6.07 -3.14 16.82
N GLY A 105 -5.24 -2.37 17.53
CA GLY A 105 -4.25 -2.95 18.41
C GLY A 105 -3.01 -3.52 17.74
N LEU A 106 -2.62 -2.96 16.60
CA LEU A 106 -1.47 -3.51 15.86
C LEU A 106 -0.15 -2.83 16.25
N GLY A 107 0.01 -2.57 17.54
CA GLY A 107 1.18 -1.88 18.05
C GLY A 107 2.52 -2.56 17.85
N ASP A 108 2.54 -3.89 17.77
CA ASP A 108 3.79 -4.62 17.56
C ASP A 108 4.15 -4.76 16.08
N GLY A 109 3.32 -4.20 15.20
CA GLY A 109 3.68 -4.14 13.79
C GLY A 109 2.60 -4.67 12.87
N TYR A 110 2.74 -4.37 11.58
CA TYR A 110 1.74 -4.73 10.59
C TYR A 110 2.30 -4.49 9.20
N ARG A 111 1.52 -4.84 8.19
CA ARG A 111 1.94 -4.66 6.81
C ARG A 111 0.80 -4.05 6.00
N LEU A 112 1.15 -3.09 5.15
CA LEU A 112 0.22 -2.51 4.19
C LEU A 112 0.57 -3.04 2.81
N VAL A 113 -0.44 -3.46 2.04
CA VAL A 113 -0.20 -4.00 0.70
C VAL A 113 -1.19 -3.43 -0.31
N ILE A 114 -0.67 -2.95 -1.44
CA ILE A 114 -1.53 -2.56 -2.56
C ILE A 114 -1.15 -3.40 -3.77
N ASN A 115 -2.14 -4.12 -4.31
CA ASN A 115 -1.93 -4.97 -5.47
C ASN A 115 -2.40 -4.29 -6.73
N ASP A 116 -1.57 -4.32 -7.79
CA ASP A 116 -1.97 -3.79 -9.08
C ASP A 116 -1.99 -4.89 -10.13
N GLY A 117 -3.12 -5.03 -10.83
CA GLY A 117 -3.20 -5.91 -11.98
C GLY A 117 -3.03 -7.40 -11.72
N LYS A 118 -2.84 -8.16 -12.78
CA LYS A 118 -2.85 -9.60 -12.66
C LYS A 118 -1.61 -10.13 -11.95
N LEU A 119 -0.44 -9.59 -12.29
CA LEU A 119 0.79 -10.06 -11.65
C LEU A 119 0.84 -9.67 -10.17
N GLY A 120 0.09 -8.62 -9.81
CA GLY A 120 -0.01 -8.22 -8.41
C GLY A 120 -1.06 -9.00 -7.63
N ALA A 121 -1.84 -9.82 -8.33
CA ALA A 121 -2.95 -10.58 -7.74
C ALA A 121 -4.06 -9.67 -7.20
N GLN A 122 -4.39 -8.61 -7.95
CA GLN A 122 -5.37 -7.64 -7.47
C GLN A 122 -6.83 -8.17 -7.32
N SER A 123 -7.32 -8.85 -8.35
CA SER A 123 -8.63 -9.52 -8.35
CA SER A 123 -8.63 -9.53 -8.38
C SER A 123 -9.87 -8.61 -8.32
N VAL A 124 -9.92 -7.65 -7.40
CA VAL A 124 -11.05 -6.69 -7.38
C VAL A 124 -10.55 -5.34 -7.86
N TYR A 125 -11.10 -4.84 -8.96
CA TYR A 125 -10.58 -3.63 -9.59
C TYR A 125 -11.27 -2.39 -9.09
N HIS A 126 -11.10 -2.20 -7.80
CA HIS A 126 -11.40 -0.99 -7.07
C HIS A 126 -10.22 -0.84 -6.12
N LEU A 127 -9.52 0.29 -6.15
CA LEU A 127 -8.32 0.48 -5.33
C LEU A 127 -8.57 0.13 -3.86
N HIS A 128 -7.66 -0.65 -3.28
CA HIS A 128 -7.79 -1.00 -1.86
C HIS A 128 -6.41 -1.23 -1.25
N ILE A 129 -6.24 -0.76 -0.02
CA ILE A 129 -5.05 -1.05 0.76
C ILE A 129 -5.37 -2.15 1.76
N HIS A 130 -4.65 -3.27 1.66
CA HIS A 130 -4.73 -4.32 2.68
C HIS A 130 -3.95 -3.90 3.90
N VAL A 131 -4.51 -4.11 5.08
CA VAL A 131 -3.76 -3.96 6.32
C VAL A 131 -3.81 -5.29 7.06
N LEU A 132 -2.63 -5.87 7.29
CA LEU A 132 -2.51 -7.19 7.91
C LEU A 132 -1.72 -7.09 9.20
N GLY A 133 -2.21 -7.71 10.28
CA GLY A 133 -1.46 -7.74 11.52
C GLY A 133 -1.93 -8.83 12.44
N GLY A 134 -1.33 -8.89 13.63
CA GLY A 134 -1.73 -9.87 14.62
C GLY A 134 -0.97 -11.19 14.53
N ARG A 135 -0.09 -11.30 13.54
CA ARG A 135 0.84 -12.43 13.40
C ARG A 135 2.14 -11.89 12.81
N GLN A 136 3.19 -12.70 12.86
CA GLN A 136 4.43 -12.36 12.17
C GLN A 136 4.23 -12.44 10.67
N LEU A 137 4.52 -11.36 9.96
CA LEU A 137 4.49 -11.37 8.50
C LEU A 137 5.85 -11.84 7.98
N GLN A 138 5.82 -12.62 6.91
CA GLN A 138 7.03 -13.25 6.40
C GLN A 138 7.65 -12.42 5.27
N TRP A 139 8.79 -12.87 4.78
CA TRP A 139 9.49 -12.20 3.70
C TRP A 139 10.07 -13.30 2.81
N PRO A 140 9.86 -13.22 1.48
CA PRO A 140 9.25 -12.13 0.71
C PRO A 140 7.74 -11.97 0.92
N PRO A 141 7.20 -10.82 0.52
CA PRO A 141 5.76 -10.54 0.71
C PRO A 141 4.94 -11.12 -0.44
N GLY A 142 5.01 -12.45 -0.59
CA GLY A 142 4.41 -13.12 -1.73
C GLY A 142 5.35 -13.07 -2.92
N SER B 42 26.49 -1.20 -5.76
CA SER B 42 25.47 -0.18 -5.97
C SER B 42 26.09 1.10 -6.55
N LEU B 43 25.44 1.63 -7.58
CA LEU B 43 25.96 2.76 -8.35
C LEU B 43 24.96 3.90 -8.35
N PRO B 44 25.39 5.12 -8.72
CA PRO B 44 24.45 6.25 -8.75
C PRO B 44 23.18 5.99 -9.59
N ALA B 45 23.30 5.22 -10.66
CA ALA B 45 22.13 4.96 -11.50
C ALA B 45 21.12 4.06 -10.81
N ASP B 46 21.49 3.46 -9.68
CA ASP B 46 20.51 2.70 -8.92
C ASP B 46 19.51 3.60 -8.21
N ILE B 47 19.78 4.90 -8.16
CA ILE B 47 18.76 5.88 -7.84
C ILE B 47 17.94 6.14 -9.11
N LEU B 48 16.70 5.64 -9.10
CA LEU B 48 15.84 5.72 -10.28
C LEU B 48 15.15 7.07 -10.41
N TYR B 49 15.00 7.77 -9.29
CA TYR B 49 14.29 9.03 -9.25
C TYR B 49 14.64 9.76 -7.97
N GLU B 50 14.78 11.08 -8.04
CA GLU B 50 14.98 11.90 -6.86
C GLU B 50 14.32 13.26 -7.07
N ASP B 51 13.65 13.76 -6.05
CA ASP B 51 13.19 15.15 -6.07
C ASP B 51 13.36 15.74 -4.69
N GLN B 52 12.78 16.91 -4.43
CA GLN B 52 12.97 17.54 -3.12
C GLN B 52 12.30 16.77 -1.99
N GLN B 53 11.40 15.84 -2.33
CA GLN B 53 10.61 15.13 -1.32
C GLN B 53 11.02 13.69 -1.09
N CYS B 54 11.69 13.06 -2.05
CA CYS B 54 11.92 11.62 -1.97
C CYS B 54 13.09 11.11 -2.80
N LEU B 55 13.43 9.86 -2.54
CA LEU B 55 14.46 9.11 -3.24
C LEU B 55 13.88 7.76 -3.61
N VAL B 56 14.18 7.28 -4.81
CA VAL B 56 13.76 5.95 -5.25
C VAL B 56 15.01 5.18 -5.68
N PHE B 57 15.21 3.99 -5.14
CA PHE B 57 16.43 3.24 -5.44
C PHE B 57 16.21 1.74 -5.43
N ARG B 58 17.03 1.01 -6.17
CA ARG B 58 16.86 -0.43 -6.25
C ARG B 58 17.19 -1.13 -4.94
N ASP B 59 16.46 -2.21 -4.64
CA ASP B 59 16.75 -3.02 -3.47
C ASP B 59 17.89 -4.01 -3.79
N VAL B 60 18.97 -3.96 -3.02
CA VAL B 60 20.14 -4.81 -3.27
C VAL B 60 19.93 -6.24 -2.79
N ALA B 61 18.81 -6.48 -2.10
CA ALA B 61 18.37 -7.82 -1.77
C ALA B 61 17.01 -8.08 -2.42
N PRO B 62 16.99 -8.08 -3.77
CA PRO B 62 15.70 -8.10 -4.46
C PRO B 62 14.93 -9.39 -4.27
N GLN B 63 13.61 -9.24 -4.19
CA GLN B 63 12.71 -10.38 -4.03
C GLN B 63 11.90 -10.65 -5.29
N ALA B 64 12.20 -9.89 -6.34
CA ALA B 64 11.50 -10.01 -7.63
C ALA B 64 12.42 -9.44 -8.70
N PRO B 65 12.15 -9.73 -9.99
CA PRO B 65 13.04 -9.23 -11.04
C PRO B 65 13.14 -7.71 -11.07
N VAL B 66 12.06 -7.02 -10.70
CA VAL B 66 12.13 -5.60 -10.42
C VAL B 66 11.76 -5.41 -8.95
N HIS B 67 12.63 -4.74 -8.20
CA HIS B 67 12.35 -4.49 -6.78
C HIS B 67 13.03 -3.21 -6.39
N PHE B 68 12.26 -2.16 -6.16
CA PHE B 68 12.84 -0.89 -5.74
C PHE B 68 12.11 -0.32 -4.54
N LEU B 69 12.66 0.77 -4.02
CA LEU B 69 12.28 1.33 -2.73
C LEU B 69 12.05 2.82 -2.86
N VAL B 70 10.92 3.30 -2.36
CA VAL B 70 10.61 4.72 -2.34
C VAL B 70 10.70 5.21 -0.91
N ILE B 71 11.55 6.19 -0.65
CA ILE B 71 11.68 6.74 0.71
C ILE B 71 11.49 8.25 0.70
N PRO B 72 10.90 8.79 1.77
CA PRO B 72 10.90 10.26 1.92
C PRO B 72 12.27 10.77 2.34
N LYS B 73 12.53 12.02 2.03
CA LYS B 73 13.75 12.65 2.54
C LYS B 73 13.54 13.07 3.99
N LYS B 74 12.32 13.46 4.35
CA LYS B 74 11.97 13.63 5.76
C LYS B 74 12.05 12.29 6.47
N PRO B 75 12.85 12.19 7.55
CA PRO B 75 13.06 10.86 8.14
C PRO B 75 11.94 10.33 9.05
N ILE B 76 10.75 10.16 8.49
CA ILE B 76 9.66 9.46 9.17
C ILE B 76 10.13 8.04 9.45
N PRO B 77 10.15 7.61 10.72
CA PRO B 77 10.79 6.31 10.99
C PRO B 77 9.95 5.10 10.59
N ARG B 78 8.63 5.23 10.67
CA ARG B 78 7.69 4.13 10.46
C ARG B 78 6.37 4.73 10.02
N ILE B 79 5.57 3.99 9.25
CA ILE B 79 4.28 4.52 8.82
C ILE B 79 3.37 4.80 10.03
N SER B 80 3.52 4.03 11.10
CA SER B 80 2.71 4.24 12.30
C SER B 80 3.05 5.56 13.00
N GLN B 81 4.15 6.20 12.60
CA GLN B 81 4.56 7.47 13.21
C GLN B 81 4.41 8.65 12.23
N ALA B 82 3.80 8.41 11.08
CA ALA B 82 3.42 9.50 10.20
C ALA B 82 2.30 10.31 10.85
N GLU B 83 2.16 11.56 10.48
CA GLU B 83 1.14 12.41 11.08
C GLU B 83 0.37 13.14 10.01
N GLU B 84 -0.71 13.82 10.40
CA GLU B 84 -1.57 14.48 9.42
C GLU B 84 -0.82 15.45 8.51
N GLU B 85 0.22 16.10 9.04
CA GLU B 85 1.00 17.04 8.25
C GLU B 85 1.72 16.35 7.09
N ASP B 86 1.83 15.03 7.16
CA ASP B 86 2.49 14.26 6.11
C ASP B 86 1.56 13.79 5.00
N GLN B 87 0.30 14.22 5.03
CA GLN B 87 -0.68 13.75 4.05
C GLN B 87 -0.22 13.91 2.60
N GLN B 88 0.22 15.11 2.24
CA GLN B 88 0.60 15.35 0.84
C GLN B 88 1.86 14.57 0.46
N LEU B 89 2.82 14.52 1.38
CA LEU B 89 4.03 13.74 1.14
C LEU B 89 3.71 12.27 0.90
N LEU B 90 2.83 11.70 1.73
CA LEU B 90 2.50 10.30 1.61
C LEU B 90 1.83 10.02 0.25
N GLY B 91 0.93 10.91 -0.17
CA GLY B 91 0.33 10.78 -1.48
C GLY B 91 1.35 10.86 -2.60
N HIS B 92 2.29 11.78 -2.45
CA HIS B 92 3.38 11.91 -3.41
C HIS B 92 4.21 10.64 -3.52
N LEU B 93 4.52 10.01 -2.39
CA LEU B 93 5.29 8.78 -2.42
C LEU B 93 4.58 7.68 -3.20
N LEU B 94 3.27 7.54 -3.01
CA LEU B 94 2.51 6.55 -3.78
C LEU B 94 2.48 6.89 -5.28
N LEU B 95 2.31 8.17 -5.62
CA LEU B 95 2.33 8.55 -7.03
C LEU B 95 3.70 8.30 -7.64
N VAL B 96 4.77 8.61 -6.92
CA VAL B 96 6.10 8.32 -7.42
C VAL B 96 6.31 6.82 -7.57
N ALA B 97 5.81 6.03 -6.62
CA ALA B 97 5.90 4.58 -6.76
C ALA B 97 5.23 4.09 -8.04
N LYS B 98 4.01 4.56 -8.31
CA LYS B 98 3.34 4.06 -9.50
C LYS B 98 3.95 4.62 -10.79
N GLN B 99 4.45 5.86 -10.75
CA GLN B 99 5.13 6.43 -11.91
C GLN B 99 6.40 5.64 -12.22
N THR B 100 7.15 5.27 -11.18
CA THR B 100 8.39 4.54 -11.39
C THR B 100 8.10 3.12 -11.83
N ALA B 101 7.01 2.53 -11.34
CA ALA B 101 6.63 1.19 -11.80
C ALA B 101 6.40 1.18 -13.30
N LYS B 102 5.74 2.21 -13.81
CA LYS B 102 5.52 2.32 -15.25
C LYS B 102 6.84 2.46 -16.00
N ALA B 103 7.73 3.30 -15.48
CA ALA B 103 9.05 3.52 -16.09
C ALA B 103 9.88 2.23 -16.12
N GLU B 104 9.65 1.35 -15.16
CA GLU B 104 10.39 0.10 -15.07
C GLU B 104 9.71 -1.03 -15.83
N GLY B 105 8.64 -0.70 -16.55
CA GLY B 105 7.98 -1.65 -17.42
C GLY B 105 7.03 -2.63 -16.75
N LEU B 106 6.46 -2.23 -15.62
CA LEU B 106 5.58 -3.11 -14.86
C LEU B 106 4.13 -2.96 -15.29
N GLY B 107 3.88 -3.14 -16.58
CA GLY B 107 2.55 -2.92 -17.14
C GLY B 107 1.56 -4.06 -16.93
N ASP B 108 2.04 -5.21 -16.48
CA ASP B 108 1.17 -6.37 -16.25
C ASP B 108 0.84 -6.58 -14.77
N GLY B 109 1.21 -5.60 -13.94
CA GLY B 109 0.91 -5.70 -12.52
C GLY B 109 2.14 -5.67 -11.62
N TYR B 110 1.92 -5.32 -10.36
CA TYR B 110 2.99 -5.23 -9.38
C TYR B 110 2.38 -5.13 -8.00
N ARG B 111 3.24 -5.08 -6.98
CA ARG B 111 2.78 -4.99 -5.60
C ARG B 111 3.55 -3.91 -4.86
N LEU B 112 2.83 -3.11 -4.08
CA LEU B 112 3.42 -2.13 -3.17
C LEU B 112 3.29 -2.65 -1.74
N VAL B 113 4.38 -2.53 -0.96
CA VAL B 113 4.40 -3.04 0.41
C VAL B 113 5.04 -2.04 1.37
N ILE B 114 4.37 -1.78 2.49
CA ILE B 114 4.96 -0.99 3.57
C ILE B 114 4.92 -1.84 4.83
N ASN B 115 6.10 -2.04 5.43
CA ASN B 115 6.25 -2.80 6.65
C ASN B 115 6.35 -1.89 7.86
N ASP B 116 5.60 -2.20 8.92
CA ASP B 116 5.74 -1.48 10.18
C ASP B 116 6.18 -2.41 11.30
N GLY B 117 7.25 -2.06 11.99
CA GLY B 117 7.61 -2.76 13.20
C GLY B 117 8.07 -4.19 13.03
N LYS B 118 8.28 -4.88 14.15
CA LYS B 118 8.82 -6.23 14.11
C LYS B 118 7.89 -7.23 13.43
N LEU B 119 6.60 -7.18 13.74
CA LEU B 119 5.67 -8.12 13.10
C LEU B 119 5.51 -7.87 11.60
N GLY B 120 5.77 -6.65 11.15
CA GLY B 120 5.73 -6.37 9.73
C GLY B 120 7.02 -6.69 9.00
N ALA B 121 8.04 -7.11 9.73
CA ALA B 121 9.39 -7.37 9.21
C ALA B 121 10.03 -6.10 8.66
N GLN B 122 9.78 -4.98 9.31
CA GLN B 122 10.42 -3.73 8.92
C GLN B 122 11.93 -3.84 9.20
N SER B 123 12.76 -3.60 8.18
CA SER B 123 14.18 -3.90 8.30
C SER B 123 15.06 -2.69 8.57
N VAL B 124 14.56 -1.49 8.29
CA VAL B 124 15.25 -0.23 8.57
C VAL B 124 14.19 0.73 9.10
N TYR B 125 14.49 1.44 10.18
CA TYR B 125 13.50 2.33 10.76
C TYR B 125 13.56 3.71 10.09
N HIS B 126 13.20 3.67 8.82
CA HIS B 126 12.94 4.82 7.98
C HIS B 126 11.83 4.34 7.05
N LEU B 127 10.85 5.18 6.74
CA LEU B 127 9.73 4.74 5.89
C LEU B 127 10.21 4.34 4.49
N HIS B 128 9.84 3.12 4.08
CA HIS B 128 10.13 2.58 2.75
C HIS B 128 8.85 2.05 2.14
N ILE B 129 8.57 2.41 0.89
CA ILE B 129 7.57 1.67 0.10
C ILE B 129 8.31 0.74 -0.85
N HIS B 130 8.11 -0.57 -0.68
CA HIS B 130 8.62 -1.56 -1.61
C HIS B 130 7.75 -1.64 -2.85
N VAL B 131 8.36 -1.71 -4.02
CA VAL B 131 7.65 -2.00 -5.25
C VAL B 131 8.27 -3.23 -5.88
N LEU B 132 7.45 -4.27 -6.07
CA LEU B 132 7.90 -5.56 -6.60
C LEU B 132 7.14 -5.91 -7.87
N GLY B 133 7.87 -6.36 -8.90
CA GLY B 133 7.23 -6.77 -10.12
C GLY B 133 8.12 -7.66 -10.96
N GLY B 134 7.60 -8.09 -12.11
CA GLY B 134 8.37 -8.88 -13.04
C GLY B 134 8.19 -10.38 -12.85
N ARG B 135 7.33 -10.73 -11.92
CA ARG B 135 6.91 -12.11 -11.72
C ARG B 135 5.51 -12.12 -11.17
N GLN B 136 4.87 -13.27 -11.14
CA GLN B 136 3.59 -13.41 -10.47
C GLN B 136 3.79 -13.33 -8.97
N LEU B 137 3.15 -12.35 -8.33
CA LEU B 137 3.16 -12.26 -6.87
C LEU B 137 2.14 -13.23 -6.29
N GLN B 138 2.47 -13.83 -5.16
CA GLN B 138 1.63 -14.83 -4.54
C GLN B 138 0.70 -14.23 -3.50
N TRP B 139 -0.21 -15.04 -2.97
CA TRP B 139 -1.11 -14.61 -1.92
C TRP B 139 -1.21 -15.75 -0.92
N PRO B 140 -1.08 -15.46 0.39
CA PRO B 140 -0.95 -14.18 1.08
C PRO B 140 0.38 -13.48 0.81
N PRO B 141 0.45 -12.19 1.13
CA PRO B 141 1.64 -11.39 0.85
C PRO B 141 2.63 -11.46 2.01
N GLY B 142 3.10 -12.67 2.30
CA GLY B 142 3.83 -12.91 3.53
C GLY B 142 2.87 -13.19 4.67
O5' ADN C . -10.26 -9.80 -3.87
C5' ADN C . -9.53 -8.71 -3.32
C4' ADN C . -9.59 -8.72 -1.81
O4' ADN C . -10.91 -8.29 -1.40
C3' ADN C . -9.36 -10.10 -1.18
O3' ADN C . -8.56 -10.00 0.01
C2' ADN C . -10.79 -10.55 -0.84
O2' ADN C . -10.91 -11.47 0.24
C1' ADN C . -11.46 -9.23 -0.51
N9 ADN C . -12.90 -9.29 -0.69
C8 ADN C . -13.56 -9.80 -1.76
N7 ADN C . -14.90 -9.74 -1.57
C5 ADN C . -15.12 -9.18 -0.37
C6 ADN C . -16.30 -8.82 0.44
N6 ADN C . -17.55 -9.06 -0.02
N1 ADN C . -16.09 -8.27 1.64
C2 ADN C . -14.85 -8.03 2.11
N3 ADN C . -13.73 -8.34 1.44
C4 ADN C . -13.81 -8.89 0.21
O1 PG4 D . -10.78 16.31 -4.04
C1 PG4 D . -11.19 14.93 -4.06
C2 PG4 D . -12.46 14.75 -4.89
O2 PG4 D . -13.61 15.27 -4.21
C3 PG4 D . -13.63 14.87 -2.85
C4 PG4 D . -15.04 14.45 -2.44
O3 PG4 D . -15.20 13.09 -2.85
C5 PG4 D . -16.22 12.43 -2.09
C6 PG4 D . -16.37 11.00 -2.60
O4 PG4 D . -16.82 11.01 -3.96
C7 PG4 D . -17.06 9.68 -4.43
C8 PG4 D . -17.52 9.71 -5.88
O5 PG4 D . -16.50 10.32 -6.69
C1 GOL E . -5.72 -12.92 -5.02
O1 GOL E . -5.46 -14.25 -4.64
C2 GOL E . -6.03 -12.08 -3.79
O2 GOL E . -4.98 -11.18 -3.55
C3 GOL E . -7.28 -11.27 -4.05
O3 GOL E . -8.42 -12.10 -4.12
CL CL F . 11.07 -2.62 5.30
#